data_7E71
#
_entry.id   7E71
#
_cell.length_a   61.800
_cell.length_b   142.200
_cell.length_c   94.700
_cell.angle_alpha   90.000
_cell.angle_beta   90.000
_cell.angle_gamma   90.000
#
_symmetry.space_group_name_H-M   'C 2 2 21'
#
loop_
_entity.id
_entity.type
_entity.pdbx_description
1 polymer 'Archaeal-type opsin 1,Archaeal-type opsin 2'
2 branched 2-acetamido-2-deoxy-beta-D-glucopyranose-(1-4)-2-acetamido-2-deoxy-beta-D-glucopyranose
3 non-polymer RETINAL
4 non-polymer '(2R)-2,3-dihydroxypropyl (9Z)-octadec-9-enoate'
5 water water
#
_entity_poly.entity_id   1
_entity_poly.type   'polypeptide(L)'
_entity_poly.pdbx_seq_one_letter_code
;MSRRPWLLALALAVALAAGSAGASTGSDATVPVATQDGPDYVFHRAHERMLFQTSYTLENNGSVICIPNNGQCFCLAWLK
SNGTNAEKLAANILQWITFALSALCLMFYGYQTWKSTCGWEEIYVATIEMIKFIIEYFHEFDEPAVIYSSNGNKTVWLRY
AEWLLTCPVILIHLSNLTGLANDYNKRTMGLLVSDIGTIVWGTTAALSKGYVRVIFFLMGLCYGIYTFFNAAKVYIEAYH
TVPKGRCRQVVTGMAWLFFVSWGMFPILFILGPEGFGVLSVYGSTVGHTIIDLMSKNCWGLLGHYLRVLIHEHILIHGDI
RKTTKLNIGGTEIEVETLVEDEAEAGAVSSEDLYFQ
;
_entity_poly.pdbx_strand_id   A
#
loop_
_chem_comp.id
_chem_comp.type
_chem_comp.name
_chem_comp.formula
NAG D-saccharide, beta linking 2-acetamido-2-deoxy-beta-D-glucopyranose 'C8 H15 N O6'
OLC non-polymer '(2R)-2,3-dihydroxypropyl (9Z)-octadec-9-enoate' 'C21 H40 O4'
RET non-polymer RETINAL 'C20 H28 O'
#
# COMPACT_ATOMS: atom_id res chain seq x y z
N ARG A 49 -6.75 29.63 -7.20
CA ARG A 49 -5.91 29.21 -6.04
C ARG A 49 -4.40 29.07 -6.40
N MET A 50 -3.96 28.69 -7.63
CA MET A 50 -2.58 28.14 -7.88
C MET A 50 -1.44 29.10 -7.52
N LEU A 51 -0.32 28.52 -7.02
CA LEU A 51 0.95 29.21 -6.69
C LEU A 51 2.03 28.76 -7.68
N PHE A 52 1.65 28.52 -8.92
CA PHE A 52 2.52 28.69 -10.12
C PHE A 52 1.81 29.72 -11.01
N GLN A 53 2.46 30.19 -12.08
CA GLN A 53 1.88 31.23 -12.99
C GLN A 53 0.69 30.61 -13.71
N THR A 54 -0.49 31.23 -13.57
CA THR A 54 -1.77 30.77 -14.18
C THR A 54 -2.28 31.84 -15.16
N SER A 55 -1.82 33.08 -15.05
CA SER A 55 -2.27 34.20 -15.92
C SER A 55 -1.22 34.49 -17.01
N TYR A 56 -1.63 34.47 -18.28
CA TYR A 56 -0.73 34.74 -19.43
C TYR A 56 -1.50 35.31 -20.62
N THR A 57 -0.79 35.88 -21.60
CA THR A 57 -1.31 36.36 -22.91
C THR A 57 -0.62 35.59 -24.03
N LEU A 58 -1.35 35.24 -25.10
CA LEU A 58 -0.78 34.71 -26.37
C LEU A 58 -0.36 35.90 -27.23
N GLU A 59 0.87 35.87 -27.78
CA GLU A 59 1.37 36.89 -28.74
C GLU A 59 1.87 36.22 -30.04
N ASN A 60 2.10 37.01 -31.09
CA ASN A 60 2.48 36.56 -32.47
C ASN A 60 1.66 35.33 -32.88
N ASN A 61 0.33 35.41 -32.80
CA ASN A 61 -0.65 34.35 -33.18
C ASN A 61 -0.31 33.06 -32.41
N GLY A 62 -0.13 33.18 -31.08
CA GLY A 62 -0.04 32.06 -30.14
C GLY A 62 1.26 31.30 -30.26
N SER A 63 2.27 31.89 -30.89
CA SER A 63 3.63 31.30 -31.04
C SER A 63 4.50 31.72 -29.86
N VAL A 64 4.06 32.74 -29.13
CA VAL A 64 4.76 33.34 -27.96
C VAL A 64 3.73 33.46 -26.83
N ILE A 65 4.11 33.06 -25.63
CA ILE A 65 3.32 33.35 -24.40
C ILE A 65 4.09 34.39 -23.59
N CYS A 66 3.40 35.45 -23.20
CA CYS A 66 3.97 36.50 -22.34
C CYS A 66 3.42 36.36 -20.92
N ILE A 67 4.32 36.39 -19.93
CA ILE A 67 3.93 36.19 -18.51
C ILE A 67 4.57 37.30 -17.69
N PRO A 68 3.93 37.71 -16.57
CA PRO A 68 4.51 38.65 -15.63
C PRO A 68 5.85 38.12 -15.11
N ASN A 69 6.84 38.99 -14.94
CA ASN A 69 8.22 38.58 -14.59
C ASN A 69 8.32 38.61 -13.06
N ASN A 70 7.53 37.75 -12.42
CA ASN A 70 7.24 37.74 -10.96
C ASN A 70 7.95 36.56 -10.26
N GLY A 71 8.77 35.82 -11.01
CA GLY A 71 9.66 34.77 -10.51
C GLY A 71 8.96 33.43 -10.41
N GLN A 72 7.66 33.38 -10.71
CA GLN A 72 6.85 32.13 -10.66
C GLN A 72 7.23 31.24 -11.87
N CYS A 73 7.22 29.94 -11.63
CA CYS A 73 7.39 28.87 -12.64
C CYS A 73 6.14 28.85 -13.52
N PHE A 74 6.32 28.44 -14.76
CA PHE A 74 5.22 28.41 -15.76
C PHE A 74 5.35 27.19 -16.65
N CYS A 75 4.21 26.54 -16.85
CA CYS A 75 4.06 25.40 -17.78
C CYS A 75 2.56 25.22 -18.06
N LEU A 76 2.20 25.16 -19.33
CA LEU A 76 0.80 24.93 -19.72
C LEU A 76 0.42 23.54 -19.23
N ALA A 77 1.35 22.57 -19.28
CA ALA A 77 1.12 21.15 -18.92
C ALA A 77 0.46 21.05 -17.54
N TRP A 78 0.85 21.90 -16.60
CA TRP A 78 0.40 21.91 -15.18
C TRP A 78 -1.10 22.24 -15.10
N LEU A 79 -1.62 23.01 -16.07
CA LEU A 79 -2.96 23.65 -15.98
C LEU A 79 -4.03 22.71 -16.55
N LYS A 80 -3.65 21.56 -17.14
CA LYS A 80 -4.59 20.54 -17.68
C LYS A 80 -5.57 20.16 -16.58
N SER A 81 -6.86 20.02 -16.88
CA SER A 81 -7.90 19.77 -15.85
C SER A 81 -7.59 18.43 -15.16
N ASN A 82 -7.96 18.31 -13.88
CA ASN A 82 -7.74 17.11 -13.04
C ASN A 82 -8.93 16.15 -13.20
N GLY A 83 -9.98 16.60 -13.92
CA GLY A 83 -11.14 15.77 -14.26
C GLY A 83 -12.44 16.50 -14.06
N THR A 84 -13.57 15.80 -14.24
CA THR A 84 -14.95 16.33 -14.13
C THR A 84 -15.31 16.62 -12.67
N ASN A 85 -16.33 17.47 -12.43
CA ASN A 85 -16.85 17.81 -11.06
C ASN A 85 -17.46 16.56 -10.41
N ALA A 86 -17.99 15.65 -11.23
CA ALA A 86 -18.62 14.38 -10.81
C ALA A 86 -17.55 13.45 -10.27
N GLU A 87 -16.41 13.37 -10.97
CA GLU A 87 -15.24 12.58 -10.54
C GLU A 87 -14.74 13.16 -9.21
N LYS A 88 -14.63 14.49 -9.15
CA LYS A 88 -14.15 15.18 -7.94
C LYS A 88 -15.10 14.87 -6.77
N LEU A 89 -16.42 14.99 -6.99
CA LEU A 89 -17.47 14.76 -5.96
C LEU A 89 -17.31 13.34 -5.40
N ALA A 90 -17.24 12.33 -6.28
CA ALA A 90 -17.08 10.91 -5.93
C ALA A 90 -15.82 10.73 -5.04
N ALA A 91 -14.74 11.42 -5.39
CA ALA A 91 -13.45 11.34 -4.70
C ALA A 91 -13.56 11.94 -3.29
N ASN A 92 -14.25 13.07 -3.13
CA ASN A 92 -14.41 13.75 -1.81
C ASN A 92 -15.31 12.92 -0.87
N ILE A 93 -16.30 12.20 -1.41
CA ILE A 93 -17.17 11.30 -0.59
C ILE A 93 -16.35 10.12 -0.03
N LEU A 94 -15.69 9.36 -0.93
CA LEU A 94 -14.83 8.19 -0.57
C LEU A 94 -13.75 8.62 0.45
N GLN A 95 -13.22 9.86 0.33
CA GLN A 95 -12.17 10.41 1.22
C GLN A 95 -12.72 10.57 2.65
N TRP A 96 -13.90 11.20 2.81
CA TRP A 96 -14.59 11.37 4.12
C TRP A 96 -14.80 9.99 4.79
N ILE A 97 -15.36 9.04 4.02
CA ILE A 97 -15.64 7.65 4.47
C ILE A 97 -14.31 6.98 4.86
N THR A 98 -13.23 7.25 4.12
CA THR A 98 -11.85 6.78 4.47
C THR A 98 -11.41 7.43 5.81
N PHE A 99 -11.69 8.73 6.00
CA PHE A 99 -11.36 9.49 7.23
C PHE A 99 -12.10 8.87 8.42
N ALA A 100 -13.38 8.51 8.20
CA ALA A 100 -14.28 7.93 9.21
C ALA A 100 -13.74 6.56 9.62
N LEU A 101 -13.43 5.70 8.64
CA LEU A 101 -12.86 4.35 8.91
C LEU A 101 -11.51 4.49 9.63
N SER A 102 -10.67 5.43 9.19
CA SER A 102 -9.32 5.66 9.79
C SER A 102 -9.51 6.05 11.25
N ALA A 103 -10.47 6.94 11.51
CA ALA A 103 -10.80 7.45 12.86
C ALA A 103 -11.34 6.33 13.77
N LEU A 104 -12.26 5.48 13.30
CA LEU A 104 -12.91 4.41 14.10
C LEU A 104 -11.92 3.28 14.37
N CYS A 105 -11.10 2.89 13.38
CA CYS A 105 -10.07 1.84 13.58
C CYS A 105 -9.12 2.26 14.71
N LEU A 106 -8.73 3.55 14.76
CA LEU A 106 -7.75 4.07 15.73
C LEU A 106 -8.33 3.95 17.14
N MET A 107 -9.52 4.49 17.36
CA MET A 107 -10.19 4.46 18.68
C MET A 107 -10.41 2.99 19.08
N PHE A 108 -10.80 2.14 18.12
CA PHE A 108 -11.06 0.70 18.33
C PHE A 108 -9.78 0.03 18.82
N TYR A 109 -8.63 0.35 18.21
CA TYR A 109 -7.31 -0.21 18.58
C TYR A 109 -6.85 0.31 19.92
N GLY A 110 -7.41 1.42 20.40
CA GLY A 110 -7.11 2.02 21.72
C GLY A 110 -7.45 1.11 22.88
N TYR A 111 -8.45 0.22 22.74
CA TYR A 111 -8.95 -0.68 23.81
C TYR A 111 -7.93 -1.80 24.02
N CYS A 118 3.38 -5.28 20.42
CA CYS A 118 2.03 -5.88 20.17
C CYS A 118 1.07 -4.78 19.71
N GLY A 119 0.56 -4.91 18.48
CA GLY A 119 -0.52 -4.08 17.96
C GLY A 119 -0.05 -2.76 17.34
N TRP A 120 1.26 -2.46 17.36
CA TRP A 120 1.84 -1.16 16.93
C TRP A 120 1.69 -0.97 15.40
N GLU A 121 1.72 -2.05 14.61
CA GLU A 121 1.74 -1.92 13.12
C GLU A 121 0.37 -1.44 12.61
N GLU A 122 -0.74 -1.85 13.22
CA GLU A 122 -2.10 -1.54 12.72
C GLU A 122 -2.43 -0.07 12.99
N ILE A 123 -2.15 0.39 14.22
CA ILE A 123 -2.42 1.77 14.72
C ILE A 123 -1.68 2.77 13.82
N TYR A 124 -0.41 2.49 13.50
CA TYR A 124 0.54 3.36 12.77
C TYR A 124 -0.06 3.65 11.39
N VAL A 125 -0.50 2.58 10.71
CA VAL A 125 -1.07 2.67 9.34
C VAL A 125 -2.35 3.54 9.38
N ALA A 126 -3.15 3.41 10.42
CA ALA A 126 -4.31 4.29 10.64
C ALA A 126 -3.82 5.67 11.08
N THR A 127 -2.73 5.79 11.85
CA THR A 127 -2.19 7.12 12.24
C THR A 127 -1.77 7.86 10.96
N ILE A 128 -1.02 7.19 10.10
CA ILE A 128 -0.47 7.81 8.87
C ILE A 128 -1.68 8.20 8.02
N GLU A 129 -2.67 7.31 7.97
CA GLU A 129 -3.88 7.52 7.11
C GLU A 129 -4.68 8.75 7.55
N MET A 130 -4.75 9.06 8.84
CA MET A 130 -5.50 10.25 9.33
C MET A 130 -4.77 11.54 8.96
N ILE A 131 -3.47 11.57 9.27
CA ILE A 131 -2.57 12.69 8.88
C ILE A 131 -2.73 12.88 7.37
N LYS A 132 -2.82 11.80 6.60
CA LYS A 132 -2.98 11.90 5.12
C LYS A 132 -4.24 12.71 4.80
N PHE A 133 -5.37 12.39 5.44
CA PHE A 133 -6.67 13.03 5.12
C PHE A 133 -6.64 14.53 5.50
N ILE A 134 -6.05 14.92 6.64
CA ILE A 134 -5.97 16.35 7.04
C ILE A 134 -5.15 17.11 5.98
N ILE A 135 -4.12 16.50 5.39
CA ILE A 135 -3.26 17.13 4.35
C ILE A 135 -4.10 17.25 3.08
N GLU A 136 -4.77 16.15 2.67
CA GLU A 136 -5.67 16.10 1.48
C GLU A 136 -6.71 17.24 1.59
N TYR A 137 -7.34 17.37 2.75
CA TYR A 137 -8.43 18.35 3.05
C TYR A 137 -7.96 19.79 2.82
N PHE A 138 -6.71 20.11 3.19
CA PHE A 138 -6.12 21.48 3.13
C PHE A 138 -5.30 21.67 1.85
N HIS A 139 -4.52 20.68 1.38
CA HIS A 139 -3.49 20.87 0.32
C HIS A 139 -3.27 19.66 -0.61
N GLU A 140 -4.33 18.95 -1.00
CA GLU A 140 -4.29 17.78 -1.90
C GLU A 140 -3.54 18.10 -3.21
N PHE A 141 -3.77 19.26 -3.83
CA PHE A 141 -3.21 19.59 -5.18
C PHE A 141 -2.13 20.66 -5.07
N ASP A 142 -1.72 20.99 -3.84
CA ASP A 142 -0.61 21.92 -3.59
C ASP A 142 0.72 21.13 -3.56
N GLU A 143 1.78 21.67 -4.16
CA GLU A 143 3.16 21.09 -4.04
C GLU A 143 3.59 21.14 -2.58
N PRO A 144 4.15 20.06 -1.98
CA PRO A 144 4.56 18.87 -2.72
C PRO A 144 3.65 17.64 -2.60
N ALA A 145 2.39 17.81 -2.24
CA ALA A 145 1.38 16.73 -2.27
C ALA A 145 1.24 16.25 -3.71
N VAL A 146 1.28 17.20 -4.66
CA VAL A 146 1.55 16.96 -6.10
C VAL A 146 2.83 17.71 -6.50
N ILE A 147 3.77 17.06 -7.18
CA ILE A 147 5.00 17.72 -7.72
C ILE A 147 4.70 18.06 -9.17
N TYR A 148 4.72 19.35 -9.49
CA TYR A 148 4.65 19.88 -10.87
C TYR A 148 6.08 20.13 -11.37
N SER A 149 6.61 19.31 -12.30
CA SER A 149 8.06 19.29 -12.70
C SER A 149 8.29 19.84 -14.11
N SER A 150 9.58 19.95 -14.53
CA SER A 150 10.07 20.71 -15.70
C SER A 150 9.71 20.02 -17.00
N ASN A 151 9.47 18.73 -16.94
CA ASN A 151 9.06 17.92 -18.13
C ASN A 151 7.53 17.89 -18.22
N GLY A 152 6.83 18.60 -17.33
CA GLY A 152 5.37 18.83 -17.36
C GLY A 152 4.58 17.80 -16.56
N ASN A 153 5.24 16.80 -15.96
CA ASN A 153 4.60 15.71 -15.18
C ASN A 153 3.93 16.29 -13.92
N LYS A 154 2.81 15.68 -13.51
CA LYS A 154 2.21 15.78 -12.15
C LYS A 154 2.52 14.48 -11.41
N THR A 155 3.30 14.53 -10.33
CA THR A 155 3.68 13.32 -9.54
C THR A 155 3.01 13.40 -8.16
N VAL A 156 2.20 12.40 -7.81
CA VAL A 156 1.43 12.40 -6.53
C VAL A 156 2.38 11.88 -5.47
N TRP A 157 3.27 12.75 -5.01
CA TRP A 157 4.30 12.43 -4.00
C TRP A 157 3.58 11.97 -2.73
N LEU A 158 2.41 12.57 -2.41
CA LEU A 158 1.57 12.27 -1.21
C LEU A 158 1.32 10.76 -1.10
N ARG A 159 1.01 10.14 -2.24
CA ARG A 159 0.74 8.69 -2.37
C ARG A 159 2.01 7.89 -2.08
N TYR A 160 3.13 8.22 -2.74
CA TYR A 160 4.37 7.39 -2.71
C TYR A 160 5.01 7.52 -1.33
N ALA A 161 4.94 8.71 -0.73
CA ALA A 161 5.49 8.99 0.62
C ALA A 161 4.82 8.05 1.64
N GLU A 162 3.48 8.05 1.68
CA GLU A 162 2.70 7.17 2.59
C GLU A 162 3.21 5.73 2.42
N TRP A 163 3.40 5.29 1.17
CA TRP A 163 3.83 3.92 0.80
C TRP A 163 5.18 3.59 1.46
N LEU A 164 6.18 4.44 1.24
CA LEU A 164 7.54 4.23 1.79
C LEU A 164 7.48 4.25 3.32
N LEU A 165 6.70 5.17 3.92
CA LEU A 165 6.57 5.29 5.40
C LEU A 165 6.06 3.99 6.04
N THR A 166 5.02 3.36 5.45
CA THR A 166 4.30 2.25 6.12
C THR A 166 4.78 0.89 5.60
N CYS A 167 5.57 0.85 4.51
CA CYS A 167 5.97 -0.41 3.82
C CYS A 167 6.74 -1.31 4.79
N PRO A 168 7.77 -0.82 5.53
CA PRO A 168 8.34 -1.56 6.66
C PRO A 168 7.32 -2.09 7.67
N VAL A 169 6.34 -1.25 8.05
CA VAL A 169 5.33 -1.52 9.12
C VAL A 169 4.49 -2.69 8.62
N ILE A 170 3.93 -2.57 7.43
CA ILE A 170 3.09 -3.61 6.77
C ILE A 170 3.93 -4.90 6.62
N LEU A 171 5.12 -4.85 6.01
CA LEU A 171 6.01 -6.02 5.75
C LEU A 171 6.51 -6.62 7.06
N ILE A 172 6.76 -5.83 8.11
CA ILE A 172 7.07 -6.44 9.44
C ILE A 172 5.83 -7.22 9.90
N HIS A 173 4.63 -6.61 9.82
CA HIS A 173 3.31 -7.20 10.15
C HIS A 173 3.11 -8.46 9.28
N LEU A 174 3.51 -8.45 8.01
CA LEU A 174 3.45 -9.64 7.12
C LEU A 174 4.29 -10.75 7.76
N SER A 175 5.45 -10.38 8.30
CA SER A 175 6.39 -11.34 8.91
C SER A 175 5.94 -11.69 10.34
N ASN A 176 4.82 -11.11 10.82
CA ASN A 176 4.27 -11.32 12.18
C ASN A 176 2.73 -11.33 12.12
N LEU A 177 2.10 -12.35 11.53
CA LEU A 177 0.61 -12.37 11.44
C LEU A 177 0.03 -12.78 12.80
N THR A 178 0.60 -13.82 13.44
CA THR A 178 0.13 -14.38 14.73
C THR A 178 0.42 -13.42 15.89
N GLY A 179 1.45 -12.58 15.78
CA GLY A 179 1.95 -11.71 16.88
C GLY A 179 2.76 -12.43 17.94
N LEU A 180 3.04 -13.73 17.78
CA LEU A 180 3.73 -14.60 18.79
C LEU A 180 5.25 -14.52 18.63
N ALA A 181 5.74 -14.38 17.38
CA ALA A 181 7.19 -14.32 17.05
C ALA A 181 7.80 -13.09 17.75
N ASN A 182 9.03 -13.23 18.23
CA ASN A 182 9.85 -12.10 18.76
C ASN A 182 10.99 -11.85 17.78
N ASP A 183 11.15 -12.76 16.80
CA ASP A 183 12.33 -12.91 15.92
C ASP A 183 11.82 -12.96 14.47
N TYR A 184 12.66 -12.59 13.50
CA TYR A 184 12.33 -12.52 12.05
C TYR A 184 13.44 -13.23 11.25
N ASN A 185 13.06 -14.02 10.25
CA ASN A 185 13.98 -14.87 9.43
C ASN A 185 14.67 -14.01 8.38
N LYS A 186 15.57 -14.63 7.60
CA LYS A 186 16.28 -14.02 6.43
C LYS A 186 15.27 -13.53 5.39
N ARG A 187 14.15 -14.26 5.19
CA ARG A 187 13.15 -13.97 4.13
C ARG A 187 12.56 -12.57 4.32
N THR A 188 12.23 -12.20 5.58
CA THR A 188 11.64 -10.88 5.94
C THR A 188 12.51 -9.80 5.30
N MET A 189 13.82 -9.97 5.42
CA MET A 189 14.83 -8.94 5.07
C MET A 189 14.86 -8.73 3.55
N GLY A 190 14.76 -9.83 2.80
CA GLY A 190 14.68 -9.80 1.33
C GLY A 190 13.40 -9.13 0.87
N LEU A 191 12.29 -9.37 1.59
CA LEU A 191 10.97 -8.75 1.32
C LEU A 191 11.09 -7.22 1.40
N LEU A 192 11.76 -6.70 2.44
CA LEU A 192 11.85 -5.24 2.70
C LEU A 192 12.72 -4.59 1.61
N VAL A 193 13.86 -5.22 1.30
CA VAL A 193 14.85 -4.70 0.31
C VAL A 193 14.19 -4.65 -1.08
N SER A 194 13.53 -5.73 -1.48
CA SER A 194 12.86 -5.84 -2.80
C SER A 194 11.69 -4.85 -2.89
N ASP A 195 10.89 -4.68 -1.82
CA ASP A 195 9.65 -3.85 -1.85
C ASP A 195 10.05 -2.39 -1.97
N ILE A 196 11.08 -1.99 -1.23
CA ILE A 196 11.54 -0.58 -1.20
C ILE A 196 12.16 -0.26 -2.57
N GLY A 197 12.93 -1.16 -3.16
CA GLY A 197 13.44 -1.01 -4.54
C GLY A 197 12.29 -0.78 -5.53
N THR A 198 11.28 -1.65 -5.47
CA THR A 198 10.06 -1.54 -6.31
C THR A 198 9.56 -0.07 -6.27
N ILE A 199 9.34 0.49 -5.07
CA ILE A 199 8.65 1.79 -4.89
C ILE A 199 9.60 2.87 -5.43
N VAL A 200 10.90 2.74 -5.17
CA VAL A 200 11.93 3.72 -5.57
C VAL A 200 12.02 3.75 -7.10
N TRP A 201 12.14 2.59 -7.78
CA TRP A 201 12.14 2.48 -9.27
C TRP A 201 10.83 3.06 -9.81
N GLY A 202 9.69 2.70 -9.22
CA GLY A 202 8.35 3.14 -9.68
C GLY A 202 8.19 4.63 -9.56
N THR A 203 8.66 5.22 -8.47
CA THR A 203 8.56 6.68 -8.23
C THR A 203 9.45 7.34 -9.29
N THR A 204 10.63 6.79 -9.56
CA THR A 204 11.55 7.29 -10.62
C THR A 204 10.81 7.23 -11.97
N ALA A 205 10.14 6.11 -12.28
CA ALA A 205 9.34 5.96 -13.51
C ALA A 205 8.27 7.07 -13.60
N ALA A 206 7.53 7.37 -12.51
CA ALA A 206 6.49 8.44 -12.43
C ALA A 206 7.10 9.81 -12.75
N LEU A 207 8.34 10.07 -12.31
CA LEU A 207 9.02 11.38 -12.50
C LEU A 207 9.60 11.52 -13.92
N SER A 208 9.84 10.40 -14.61
CA SER A 208 10.49 10.31 -15.96
C SER A 208 9.43 10.36 -17.07
N LYS A 209 9.87 10.21 -18.32
CA LYS A 209 9.05 10.16 -19.57
C LYS A 209 9.68 9.16 -20.54
N GLY A 210 8.94 8.86 -21.63
CA GLY A 210 9.43 8.05 -22.77
C GLY A 210 10.10 6.76 -22.32
N TYR A 211 11.22 6.40 -22.94
CA TYR A 211 11.88 5.08 -22.73
C TYR A 211 12.52 4.99 -21.33
N VAL A 212 12.90 6.11 -20.73
CA VAL A 212 13.45 6.11 -19.34
C VAL A 212 12.34 5.70 -18.33
N ARG A 213 11.11 6.20 -18.49
CA ARG A 213 9.95 5.74 -17.68
C ARG A 213 9.78 4.21 -17.86
N VAL A 214 9.88 3.70 -19.10
CA VAL A 214 9.67 2.24 -19.43
C VAL A 214 10.67 1.43 -18.61
N ILE A 215 11.95 1.84 -18.66
CA ILE A 215 13.07 1.06 -18.06
C ILE A 215 12.87 0.96 -16.53
N PHE A 216 12.63 2.08 -15.85
CA PHE A 216 12.46 2.11 -14.37
C PHE A 216 11.20 1.32 -13.96
N PHE A 217 10.13 1.40 -14.74
CA PHE A 217 8.91 0.57 -14.50
C PHE A 217 9.33 -0.90 -14.52
N LEU A 218 10.04 -1.34 -15.58
CA LEU A 218 10.55 -2.73 -15.74
C LEU A 218 11.43 -3.15 -14.55
N MET A 219 12.30 -2.26 -14.10
CA MET A 219 13.14 -2.54 -12.91
C MET A 219 12.25 -2.72 -11.66
N GLY A 220 11.21 -1.88 -11.52
CA GLY A 220 10.22 -2.01 -10.43
C GLY A 220 9.49 -3.33 -10.48
N LEU A 221 9.06 -3.72 -11.66
CA LEU A 221 8.34 -5.01 -11.88
C LEU A 221 9.25 -6.18 -11.46
N CYS A 222 10.53 -6.20 -11.85
CA CYS A 222 11.46 -7.31 -11.55
C CYS A 222 11.59 -7.45 -10.02
N TYR A 223 11.79 -6.35 -9.31
CA TYR A 223 11.87 -6.31 -7.83
C TYR A 223 10.52 -6.79 -7.26
N GLY A 224 9.41 -6.30 -7.84
CA GLY A 224 8.02 -6.58 -7.40
C GLY A 224 7.73 -8.05 -7.42
N ILE A 225 8.11 -8.74 -8.51
CA ILE A 225 7.86 -10.19 -8.72
C ILE A 225 8.58 -10.96 -7.60
N TYR A 226 9.83 -10.62 -7.29
CA TYR A 226 10.61 -11.23 -6.18
C TYR A 226 9.82 -11.05 -4.87
N THR A 227 9.22 -9.87 -4.67
CA THR A 227 8.43 -9.54 -3.43
C THR A 227 7.19 -10.42 -3.39
N PHE A 228 6.44 -10.50 -4.50
CA PHE A 228 5.16 -11.25 -4.59
C PHE A 228 5.41 -12.74 -4.32
N PHE A 229 6.44 -13.30 -4.97
CA PHE A 229 6.90 -14.71 -4.84
C PHE A 229 7.11 -15.04 -3.36
N ASN A 230 7.90 -14.21 -2.67
CA ASN A 230 8.25 -14.47 -1.26
C ASN A 230 7.06 -14.17 -0.35
N ALA A 231 6.25 -13.15 -0.62
CA ALA A 231 5.06 -12.88 0.20
C ALA A 231 4.12 -14.10 0.17
N ALA A 232 4.08 -14.84 -0.95
CA ALA A 232 3.19 -16.00 -1.15
C ALA A 232 3.58 -17.14 -0.19
N LYS A 233 4.89 -17.37 -0.04
CA LYS A 233 5.46 -18.38 0.89
C LYS A 233 5.09 -18.04 2.34
N VAL A 234 5.13 -16.77 2.69
CA VAL A 234 4.85 -16.29 4.09
C VAL A 234 3.43 -16.71 4.44
N TYR A 235 2.50 -16.44 3.55
CA TYR A 235 1.05 -16.66 3.80
C TYR A 235 0.83 -18.17 3.95
N ILE A 236 1.55 -18.95 3.14
CA ILE A 236 1.50 -20.44 3.15
C ILE A 236 1.96 -20.92 4.53
N GLU A 237 3.11 -20.42 5.02
CA GLU A 237 3.64 -20.74 6.37
C GLU A 237 2.65 -20.33 7.48
N ALA A 238 2.12 -19.11 7.42
CA ALA A 238 1.13 -18.56 8.37
C ALA A 238 -0.07 -19.50 8.49
N TYR A 239 -0.62 -19.91 7.35
CA TYR A 239 -1.87 -20.71 7.25
C TYR A 239 -1.68 -22.02 8.03
N HIS A 240 -0.56 -22.70 7.84
CA HIS A 240 -0.25 -24.03 8.45
C HIS A 240 0.34 -23.86 9.85
N THR A 241 0.54 -22.63 10.33
CA THR A 241 1.04 -22.33 11.69
C THR A 241 -0.14 -22.15 12.65
N VAL A 242 -1.17 -21.41 12.24
CA VAL A 242 -2.29 -20.97 13.12
C VAL A 242 -3.23 -22.15 13.40
N PRO A 243 -4.02 -22.11 14.50
CA PRO A 243 -5.03 -23.13 14.76
C PRO A 243 -6.01 -23.36 13.60
N LYS A 244 -6.61 -24.57 13.56
CA LYS A 244 -7.34 -25.14 12.40
C LYS A 244 -8.64 -24.39 12.06
N GLY A 245 -9.25 -23.64 13.00
CA GLY A 245 -10.62 -23.09 12.87
C GLY A 245 -10.68 -21.74 12.19
N ARG A 246 -11.17 -20.72 12.90
CA ARG A 246 -11.52 -19.36 12.40
C ARG A 246 -10.27 -18.62 11.93
N CYS A 247 -9.16 -18.80 12.68
CA CYS A 247 -7.82 -18.22 12.40
C CYS A 247 -7.37 -18.47 10.95
N ARG A 248 -7.58 -19.66 10.40
CA ARG A 248 -7.20 -19.97 8.99
C ARG A 248 -8.17 -19.31 7.99
N GLN A 249 -9.42 -19.00 8.38
CA GLN A 249 -10.35 -18.19 7.56
C GLN A 249 -9.78 -16.77 7.41
N VAL A 250 -9.33 -16.18 8.52
CA VAL A 250 -8.84 -14.78 8.58
C VAL A 250 -7.53 -14.67 7.79
N VAL A 251 -6.59 -15.60 7.98
CA VAL A 251 -5.31 -15.64 7.22
C VAL A 251 -5.65 -15.64 5.72
N THR A 252 -6.61 -16.49 5.33
CA THR A 252 -7.07 -16.64 3.91
C THR A 252 -7.65 -15.30 3.45
N GLY A 253 -8.49 -14.66 4.26
CA GLY A 253 -9.02 -13.30 4.03
C GLY A 253 -7.91 -12.29 3.81
N MET A 254 -6.85 -12.34 4.62
CA MET A 254 -5.74 -11.36 4.56
C MET A 254 -4.94 -11.58 3.28
N ALA A 255 -4.76 -12.83 2.86
CA ALA A 255 -4.02 -13.21 1.62
C ALA A 255 -4.69 -12.59 0.39
N TRP A 256 -6.03 -12.76 0.30
CA TRP A 256 -6.89 -12.23 -0.79
C TRP A 256 -6.77 -10.71 -0.83
N LEU A 257 -7.03 -10.05 0.30
CA LEU A 257 -6.95 -8.57 0.42
C LEU A 257 -5.56 -8.10 -0.04
N PHE A 258 -4.51 -8.75 0.41
CA PHE A 258 -3.09 -8.35 0.17
C PHE A 258 -2.77 -8.43 -1.33
N PHE A 259 -2.95 -9.58 -1.97
CA PHE A 259 -2.55 -9.78 -3.39
C PHE A 259 -3.46 -9.01 -4.36
N VAL A 260 -4.74 -8.82 -4.05
CA VAL A 260 -5.68 -8.08 -4.95
C VAL A 260 -5.31 -6.61 -4.84
N SER A 261 -5.18 -6.09 -3.62
CA SER A 261 -4.94 -4.65 -3.36
C SER A 261 -3.53 -4.30 -3.84
N TRP A 262 -2.52 -5.09 -3.49
CA TRP A 262 -1.11 -4.84 -3.91
C TRP A 262 -0.97 -4.99 -5.44
N GLY A 263 -1.60 -6.00 -6.04
CA GLY A 263 -1.63 -6.18 -7.50
C GLY A 263 -2.24 -4.99 -8.27
N MET A 264 -3.20 -4.27 -7.67
CA MET A 264 -3.95 -3.17 -8.32
C MET A 264 -3.10 -1.89 -8.43
N PHE A 265 -2.00 -1.79 -7.68
CA PHE A 265 -1.16 -0.57 -7.67
C PHE A 265 -0.42 -0.41 -8.98
N PRO A 266 0.35 -1.41 -9.46
CA PRO A 266 1.00 -1.30 -10.77
C PRO A 266 -0.03 -1.14 -11.91
N ILE A 267 -1.25 -1.71 -11.76
CA ILE A 267 -2.35 -1.59 -12.76
C ILE A 267 -2.77 -0.11 -12.80
N LEU A 268 -3.00 0.53 -11.64
CA LEU A 268 -3.46 1.94 -11.58
C LEU A 268 -2.32 2.88 -12.03
N PHE A 269 -1.05 2.47 -11.89
CA PHE A 269 0.12 3.24 -12.38
C PHE A 269 0.03 3.33 -13.90
N ILE A 270 -0.04 2.18 -14.57
CA ILE A 270 -0.07 2.05 -16.05
C ILE A 270 -1.30 2.81 -16.59
N LEU A 271 -2.42 2.84 -15.86
CA LEU A 271 -3.69 3.50 -16.26
C LEU A 271 -3.66 5.02 -16.03
N GLY A 272 -2.89 5.51 -15.05
CA GLY A 272 -2.93 6.93 -14.62
C GLY A 272 -2.05 7.85 -15.46
N PRO A 273 -1.98 9.16 -15.12
CA PRO A 273 -1.11 10.11 -15.81
C PRO A 273 0.37 9.68 -15.87
N GLU A 274 0.83 8.88 -14.88
CA GLU A 274 2.20 8.32 -14.77
C GLU A 274 2.47 7.26 -15.84
N GLY A 275 1.44 6.79 -16.56
CA GLY A 275 1.55 5.69 -17.54
C GLY A 275 1.04 6.10 -18.90
N PHE A 276 -0.15 5.65 -19.29
CA PHE A 276 -0.75 5.90 -20.63
C PHE A 276 -1.86 6.93 -20.53
N GLY A 277 -2.03 7.55 -19.35
CA GLY A 277 -2.97 8.67 -19.14
C GLY A 277 -4.41 8.33 -19.48
N VAL A 278 -4.78 7.05 -19.38
CA VAL A 278 -6.20 6.58 -19.58
C VAL A 278 -7.05 7.28 -18.52
N LEU A 279 -6.69 7.14 -17.25
CA LEU A 279 -7.37 7.79 -16.09
C LEU A 279 -6.96 9.26 -15.97
N SER A 280 -7.95 10.11 -15.64
CA SER A 280 -7.81 11.48 -15.08
C SER A 280 -7.29 11.38 -13.64
N VAL A 281 -6.93 12.54 -13.09
CA VAL A 281 -6.37 12.64 -11.73
C VAL A 281 -7.46 12.28 -10.69
N TYR A 282 -8.68 12.83 -10.80
CA TYR A 282 -9.82 12.51 -9.88
C TYR A 282 -10.16 11.02 -10.05
N GLY A 283 -10.20 10.54 -11.30
CA GLY A 283 -10.40 9.13 -11.62
C GLY A 283 -9.43 8.23 -10.88
N SER A 284 -8.13 8.58 -10.91
CA SER A 284 -7.04 7.86 -10.19
C SER A 284 -7.26 7.93 -8.66
N THR A 285 -7.70 9.09 -8.13
CA THR A 285 -7.99 9.31 -6.69
C THR A 285 -9.07 8.34 -6.25
N VAL A 286 -10.14 8.26 -7.03
CA VAL A 286 -11.31 7.38 -6.72
C VAL A 286 -10.81 5.91 -6.65
N GLY A 287 -10.12 5.45 -7.68
CA GLY A 287 -9.49 4.11 -7.69
C GLY A 287 -8.60 3.90 -6.48
N HIS A 288 -7.79 4.89 -6.14
CA HIS A 288 -6.84 4.81 -5.00
C HIS A 288 -7.65 4.71 -3.69
N THR A 289 -8.76 5.46 -3.55
CA THR A 289 -9.53 5.42 -2.28
C THR A 289 -10.03 3.99 -2.05
N ILE A 290 -10.51 3.32 -3.11
CA ILE A 290 -11.10 1.96 -2.96
C ILE A 290 -10.00 0.98 -2.50
N ILE A 291 -8.90 0.90 -3.25
CA ILE A 291 -7.78 -0.03 -2.92
C ILE A 291 -7.07 0.44 -1.65
N ASP A 292 -7.16 1.74 -1.33
CA ASP A 292 -6.57 2.30 -0.08
C ASP A 292 -7.30 1.69 1.10
N LEU A 293 -8.64 1.65 1.04
CA LEU A 293 -9.50 1.16 2.14
C LEU A 293 -9.15 -0.30 2.41
N MET A 294 -9.02 -1.08 1.34
CA MET A 294 -8.66 -2.52 1.37
C MET A 294 -7.24 -2.70 1.89
N SER A 295 -6.27 -1.97 1.31
CA SER A 295 -4.81 -2.11 1.54
C SER A 295 -4.47 -1.80 2.99
N LYS A 296 -5.08 -0.75 3.56
CA LYS A 296 -4.66 -0.20 4.87
C LYS A 296 -5.68 -0.55 5.96
N ASN A 297 -6.81 0.18 6.00
CA ASN A 297 -7.81 0.10 7.09
C ASN A 297 -8.19 -1.38 7.30
N CYS A 298 -8.81 -1.98 6.27
CA CYS A 298 -9.45 -3.31 6.34
C CYS A 298 -8.39 -4.38 6.68
N TRP A 299 -7.22 -4.35 6.06
CA TRP A 299 -6.16 -5.39 6.25
C TRP A 299 -5.64 -5.32 7.69
N GLY A 300 -5.39 -4.12 8.21
CA GLY A 300 -4.92 -3.96 9.59
C GLY A 300 -5.99 -4.38 10.58
N LEU A 301 -7.25 -4.15 10.23
CA LEU A 301 -8.42 -4.53 11.06
C LEU A 301 -8.48 -6.07 11.15
N LEU A 302 -8.36 -6.73 9.99
CA LEU A 302 -8.28 -8.22 9.90
C LEU A 302 -7.06 -8.73 10.65
N GLY A 303 -5.98 -7.97 10.60
CA GLY A 303 -4.72 -8.32 11.30
C GLY A 303 -4.96 -8.33 12.79
N HIS A 304 -5.41 -7.21 13.34
CA HIS A 304 -5.71 -7.04 14.79
C HIS A 304 -6.64 -8.16 15.24
N TYR A 305 -7.68 -8.45 14.45
CA TYR A 305 -8.68 -9.51 14.71
C TYR A 305 -7.96 -10.85 14.86
N LEU A 306 -7.17 -11.22 13.84
CA LEU A 306 -6.36 -12.47 13.83
C LEU A 306 -5.53 -12.51 15.13
N ARG A 307 -4.77 -11.45 15.38
CA ARG A 307 -3.86 -11.36 16.55
C ARG A 307 -4.67 -11.72 17.82
N VAL A 308 -5.82 -11.09 18.00
CA VAL A 308 -6.69 -11.29 19.21
C VAL A 308 -6.97 -12.78 19.34
N LEU A 309 -7.46 -13.39 18.24
CA LEU A 309 -7.86 -14.82 18.19
C LEU A 309 -6.66 -15.69 18.65
N ILE A 310 -5.48 -15.45 18.10
CA ILE A 310 -4.25 -16.26 18.38
C ILE A 310 -3.91 -16.11 19.88
N HIS A 311 -3.88 -14.89 20.40
CA HIS A 311 -3.45 -14.63 21.79
C HIS A 311 -4.47 -15.29 22.73
N GLU A 312 -5.75 -15.28 22.36
CA GLU A 312 -6.83 -15.89 23.19
C GLU A 312 -6.67 -17.42 23.17
N HIS A 313 -6.13 -17.98 22.08
CA HIS A 313 -5.83 -19.42 21.98
C HIS A 313 -4.80 -19.81 23.07
N ILE A 314 -3.81 -18.93 23.32
CA ILE A 314 -2.76 -19.17 24.35
C ILE A 314 -3.44 -19.05 25.72
N LEU A 315 -4.43 -18.16 25.83
CA LEU A 315 -5.14 -17.90 27.12
C LEU A 315 -6.00 -19.11 27.49
N ILE A 316 -6.50 -19.88 26.51
CA ILE A 316 -7.45 -21.00 26.76
C ILE A 316 -6.72 -22.35 26.68
N HIS A 317 -6.10 -22.67 25.55
CA HIS A 317 -5.44 -23.98 25.30
C HIS A 317 -3.95 -23.90 25.68
N GLY A 318 -3.29 -22.78 25.38
CA GLY A 318 -1.85 -22.62 25.61
C GLY A 318 -1.05 -22.82 24.34
N ASP A 319 0.25 -22.50 24.38
CA ASP A 319 1.15 -22.58 23.20
C ASP A 319 1.51 -24.04 22.95
N ILE A 320 0.66 -24.75 22.18
CA ILE A 320 0.89 -26.17 21.80
C ILE A 320 1.30 -26.21 20.32
N ARG A 321 2.60 -26.25 20.05
CA ARG A 321 3.15 -26.21 18.67
C ARG A 321 3.25 -27.64 18.11
N LYS A 322 3.44 -27.78 16.79
CA LYS A 322 3.66 -29.08 16.10
C LYS A 322 4.85 -28.94 15.14
N THR A 323 5.03 -29.87 14.20
CA THR A 323 6.14 -29.81 13.21
C THR A 323 5.61 -30.20 11.84
N THR A 324 4.73 -29.36 11.25
CA THR A 324 4.21 -29.58 9.87
C THR A 324 5.31 -29.25 8.86
N LYS A 325 5.96 -30.30 8.31
CA LYS A 325 7.04 -30.12 7.30
C LYS A 325 6.36 -30.00 5.92
N LEU A 326 6.30 -28.80 5.39
CA LEU A 326 5.66 -28.55 4.06
C LEU A 326 6.66 -28.88 2.94
N ASN A 327 6.17 -28.99 1.71
CA ASN A 327 7.06 -29.20 0.52
C ASN A 327 6.52 -28.43 -0.69
N ILE A 328 5.81 -27.32 -0.46
CA ILE A 328 5.26 -26.45 -1.53
C ILE A 328 6.43 -25.80 -2.29
N THR A 331 9.59 -27.64 -2.33
CA THR A 331 10.84 -27.40 -1.57
C THR A 331 10.87 -28.31 -0.34
N GLU A 332 11.43 -27.84 0.78
CA GLU A 332 11.49 -28.59 2.08
C GLU A 332 11.35 -27.60 3.23
N ILE A 333 10.15 -26.99 3.36
CA ILE A 333 9.84 -25.97 4.41
C ILE A 333 9.39 -26.71 5.69
N GLU A 334 9.31 -26.00 6.81
CA GLU A 334 8.96 -26.52 8.14
C GLU A 334 8.09 -25.46 8.83
N VAL A 335 7.28 -25.85 9.81
CA VAL A 335 6.30 -24.92 10.46
C VAL A 335 5.95 -25.45 11.87
N GLU A 336 5.64 -24.55 12.80
CA GLU A 336 5.21 -24.87 14.19
C GLU A 336 3.69 -24.69 14.30
N THR A 337 2.91 -25.74 14.09
CA THR A 337 1.42 -25.65 14.04
C THR A 337 0.85 -25.53 15.46
N LEU A 338 0.32 -24.37 15.82
CA LEU A 338 -0.51 -24.20 17.05
C LEU A 338 -1.76 -25.08 16.94
N VAL A 339 -2.03 -25.91 17.95
CA VAL A 339 -3.24 -26.77 18.00
C VAL A 339 -3.97 -26.57 19.33
N GLU A 340 -5.25 -26.96 19.38
CA GLU A 340 -6.14 -26.82 20.57
C GLU A 340 -6.06 -28.09 21.42
N ASP A 341 -5.33 -29.12 20.96
CA ASP A 341 -5.23 -30.43 21.64
C ASP A 341 -3.78 -30.63 22.12
N GLU A 342 -3.59 -30.91 23.42
CA GLU A 342 -2.25 -31.11 24.05
C GLU A 342 -1.58 -32.36 23.45
N ALA A 343 -2.38 -33.42 23.23
CA ALA A 343 -1.99 -34.70 22.59
C ALA A 343 -1.16 -34.43 21.33
N GLU A 344 -1.73 -33.66 20.40
CA GLU A 344 -1.11 -33.32 19.09
C GLU A 344 0.10 -32.41 19.33
N ALA A 345 1.32 -32.94 19.19
CA ALA A 345 2.56 -32.15 19.35
C ALA A 345 3.76 -32.80 18.63
N GLY A 346 3.56 -33.26 17.40
CA GLY A 346 4.55 -34.11 16.69
C GLY A 346 4.72 -33.70 15.24
N ALA A 347 5.56 -34.43 14.50
CA ALA A 347 5.98 -34.08 13.12
C ALA A 347 4.93 -34.59 12.13
N VAL A 348 4.27 -33.68 11.41
CA VAL A 348 3.29 -34.01 10.32
C VAL A 348 3.85 -33.52 8.98
N SER A 349 4.72 -34.31 8.33
CA SER A 349 5.31 -33.96 7.02
C SER A 349 4.18 -33.96 5.97
N SER A 350 3.52 -32.82 5.76
CA SER A 350 2.42 -32.64 4.76
C SER A 350 3.01 -32.10 3.47
N GLU A 351 3.65 -32.96 2.68
CA GLU A 351 4.30 -32.59 1.40
C GLU A 351 3.20 -32.09 0.44
N ASP A 352 3.28 -30.81 0.05
CA ASP A 352 2.32 -30.20 -0.91
C ASP A 352 3.00 -30.19 -2.28
C1 NAG B . -2.27 31.49 -36.84
C2 NAG B . -2.21 31.50 -38.35
C3 NAG B . -3.49 30.81 -38.80
C4 NAG B . -3.66 29.44 -38.10
C5 NAG B . -3.35 29.46 -36.61
C6 NAG B . -3.24 28.06 -36.02
C7 NAG B . -0.85 33.27 -39.43
C8 NAG B . -0.81 34.65 -40.03
N2 NAG B . -2.00 32.85 -38.90
O3 NAG B . -3.45 30.62 -40.23
O4 NAG B . -4.98 28.89 -38.34
O5 NAG B . -2.14 30.16 -36.37
O6 NAG B . -4.55 27.67 -35.60
O7 NAG B . 0.16 32.59 -39.48
C1 NAG B . -5.19 27.77 -39.05
C2 NAG B . -6.46 27.04 -39.46
C3 NAG B . -6.16 25.57 -39.78
C4 NAG B . -5.12 25.50 -40.92
C5 NAG B . -3.95 26.46 -40.74
C6 NAG B . -3.24 26.73 -42.06
C7 NAG B . -7.61 26.76 -37.25
C8 NAG B . -8.84 27.17 -36.49
N2 NAG B . -7.52 27.29 -38.46
O3 NAG B . -7.35 24.91 -40.24
O4 NAG B . -4.61 24.16 -41.05
O5 NAG B . -4.35 27.75 -40.21
O6 NAG B . -1.82 26.65 -41.89
O7 NAG B . -6.81 25.97 -36.80
C1 RET C . 4.61 0.56 -7.92
C2 RET C . 5.47 0.72 -9.16
C3 RET C . 5.22 -0.35 -10.16
C4 RET C . 5.44 -1.71 -9.56
C5 RET C . 4.71 -1.89 -8.27
C6 RET C . 4.32 -0.89 -7.47
C7 RET C . 3.61 -1.25 -6.22
C8 RET C . 3.12 -0.41 -5.25
C9 RET C . 2.46 -0.76 -4.05
C10 RET C . 1.95 0.13 -3.04
C11 RET C . 1.29 -0.16 -1.86
C12 RET C . 0.75 0.63 -0.85
C13 RET C . 0.05 0.20 0.33
C14 RET C . -0.50 0.98 1.37
C15 RET C . -0.44 2.34 1.50
C16 RET C . 5.36 1.36 -6.86
C17 RET C . 3.33 1.32 -8.27
C18 RET C . 4.52 -3.34 -7.96
C19 RET C . 2.28 -2.21 -3.82
C20 RET C . -0.10 -1.29 0.55
C18 OLC D . 2.07 -10.98 -10.38
C10 OLC D . 2.78 -4.76 -16.54
C9 OLC D . 2.60 -4.36 -17.78
C17 OLC D . 1.10 -9.84 -10.35
C11 OLC D . 1.72 -5.10 -15.52
C8 OLC D . 3.65 -4.34 -18.87
C24 OLC D . 4.15 7.20 -22.60
C16 OLC D . 0.67 -9.48 -11.74
C12 OLC D . 2.24 -6.03 -14.47
C7 OLC D . 3.49 -3.24 -19.85
C15 OLC D . 0.45 -8.01 -11.97
C13 OLC D . 1.55 -5.94 -13.10
C6 OLC D . 4.64 -2.24 -19.85
C14 OLC D . 1.71 -7.20 -12.19
C5 OLC D . 4.52 -1.12 -18.86
C4 OLC D . 5.47 0.06 -19.14
C3 OLC D . 5.18 1.32 -18.35
C2 OLC D . 5.83 2.52 -18.97
C21 OLC D . 4.99 5.57 -20.86
C1 OLC D . 4.87 3.54 -19.57
C22 OLC D . 4.64 5.80 -22.33
O19 OLC D . 3.76 3.70 -19.13
O25 OLC D . 2.75 7.33 -22.39
O23 OLC D . 5.78 5.50 -23.12
O20 OLC D . 5.39 4.20 -20.63
C10 OLC E . 20.18 -4.40 -13.12
C9 OLC E . 19.43 -3.32 -13.36
C11 OLC E . 21.02 -5.14 -14.13
C8 OLC E . 19.12 -2.75 -14.72
C12 OLC E . 22.30 -5.69 -13.58
C7 OLC E . 19.10 -1.24 -14.81
C13 OLC E . 22.26 -7.17 -13.33
C6 OLC E . 20.44 -0.58 -15.11
C14 OLC E . 21.33 -7.60 -12.21
C5 OLC E . 20.51 0.91 -14.73
C4 OLC E . 20.31 1.90 -15.86
C3 OLC E . 19.26 3.02 -15.62
C2 OLC E . 18.60 3.49 -16.89
C1 OLC E . 17.09 3.52 -16.87
O19 OLC E . 16.38 3.18 -15.95
O20 OLC E . 16.59 3.95 -18.03
C24 OLC F . -23.19 13.78 -10.63
C7 OLC F . -19.11 4.88 -6.92
C6 OLC F . -18.58 6.29 -6.64
C5 OLC F . -19.34 7.06 -5.57
C4 OLC F . -20.77 7.38 -5.89
C3 OLC F . -21.01 8.20 -7.16
C2 OLC F . -20.65 9.64 -7.05
C21 OLC F . -21.82 12.08 -9.32
C1 OLC F . -20.56 10.33 -8.40
C22 OLC F . -23.04 12.33 -10.21
O19 OLC F . -19.52 10.51 -9.00
O25 OLC F . -22.55 14.04 -11.87
O23 OLC F . -22.98 11.49 -11.36
O20 OLC F . -21.74 10.70 -8.89
C9 OLC G . 16.35 -10.30 -10.12
C8 OLC G . 16.25 -8.84 -9.76
C24 OLC G . 19.32 -12.79 0.50
C7 OLC G . 16.77 -8.47 -8.40
C6 OLC G . 15.74 -8.60 -7.28
C5 OLC G . 15.84 -7.61 -6.16
C4 OLC G . 16.84 -7.95 -5.10
C3 OLC G . 16.59 -9.19 -4.24
C2 OLC G . 17.19 -9.09 -2.87
C21 OLC G . 19.28 -11.78 -1.86
C1 OLC G . 18.62 -9.62 -2.72
C22 OLC G . 20.12 -12.22 -0.65
O19 OLC G . 19.60 -9.27 -3.38
O25 OLC G . 20.20 -13.39 1.46
O23 OLC G . 21.06 -13.20 -1.10
O20 OLC G . 18.70 -10.46 -1.68
C10 OLC H . 18.40 6.81 -9.52
C9 OLC H . 17.84 7.18 -10.66
C11 OLC H . 18.61 5.39 -9.06
C8 OLC H . 17.77 8.58 -11.17
C24 OLC H . 17.12 12.95 -23.42
C7 OLC H . 17.22 8.66 -12.58
C6 OLC H . 18.23 9.08 -13.65
C5 OLC H . 17.89 8.55 -15.04
C4 OLC H . 18.32 9.47 -16.19
C3 OLC H . 17.28 9.68 -17.29
C2 OLC H . 17.46 10.97 -18.01
C21 OLC H . 16.35 12.30 -21.11
C1 OLC H . 16.33 11.32 -18.95
C22 OLC H . 16.53 11.86 -22.55
O19 OLC H . 15.24 11.71 -18.60
O25 OLC H . 16.15 13.45 -24.33
O23 OLC H . 17.31 10.65 -22.55
O20 OLC H . 16.69 11.20 -20.23
C8 OLC I . -0.65 -17.24 -1.73
C7 OLC I . -1.77 -17.82 -0.88
C6 OLC I . -1.47 -19.12 -0.12
C5 OLC I . -2.58 -19.50 0.82
C4 OLC I . -2.42 -20.83 1.50
C3 OLC I . -2.80 -22.02 0.63
C2 OLC I . -2.99 -23.31 1.38
C1 OLC I . -4.43 -23.83 1.41
O19 OLC I . -5.27 -23.61 0.59
O20 OLC I . -4.65 -24.61 2.48
C8 OLC J . 4.58 -13.66 -8.06
C7 OLC J . 3.18 -13.58 -7.54
C6 OLC J . 3.06 -14.06 -6.10
C5 OLC J . 2.55 -15.46 -5.95
C4 OLC J . 3.54 -16.56 -6.23
C3 OLC J . 2.96 -17.96 -5.99
C2 OLC J . 3.80 -19.09 -6.57
C1 OLC J . 3.76 -20.37 -5.73
O19 OLC J . 2.87 -20.70 -4.99
O20 OLC J . 4.85 -21.11 -5.92
C10 OLC K . 3.55 11.63 12.02
C9 OLC K . 3.36 10.42 12.50
C8 OLC K . 3.24 10.04 13.95
C7 OLC K . 3.17 8.55 14.19
C6 OLC K . 2.72 8.14 15.58
C5 OLC K . 1.94 6.80 15.65
C4 OLC K . 2.38 5.83 16.76
C3 OLC K . 1.27 4.99 17.41
C2 OLC K . 1.44 4.79 18.92
C9 OLC L . -5.50 -15.10 -5.09
C8 OLC L . -4.80 -15.06 -3.76
C7 OLC L . -4.44 -16.42 -3.13
C6 OLC L . -5.48 -17.05 -2.19
C5 OLC L . -5.48 -18.57 -2.17
C4 OLC L . -6.89 -19.19 -2.16
C3 OLC L . -7.12 -20.25 -1.06
C2 OLC L . -8.55 -20.67 -0.92
#